data_6JQA
#
_entry.id   6JQA
#
_cell.length_a   42.843
_cell.length_b   60.664
_cell.length_c   124.874
_cell.angle_alpha   90.00
_cell.angle_beta   90.00
_cell.angle_gamma   90.00
#
_symmetry.space_group_name_H-M   'P 21 21 21'
#
loop_
_entity.id
_entity.type
_entity.pdbx_description
1 polymer 'Phytoplasmal effector causing phyllody 1'
2 polymer 'Phytoplasmal effector causing phyllody 1'
3 polymer 'Phytoplasmal effector causing phyllody 1'
4 non-polymer 'IODIDE ION'
5 water water
#
loop_
_entity_poly.entity_id
_entity_poly.type
_entity_poly.pdbx_seq_one_letter_code
_entity_poly.pdbx_strand_id
1 'polypeptide(L)'
;MNKDIASASNNNQNITN(IYR)SIEENIINLK(IYR)KIRKNAVKKINTEREIQQLSNNDPNKNTLLALKQNLENLIHNQ
KEQLKT(TYI)QKLLKTLNDENN
;
A
2 'polypeptide(L)'
;MNKDIASASNNNQNITN(TYI)SIEENIINLK(TYI)KIRKNAVKKINTEREIQQLSNNDPNKNTLLALKQNLENLIHNQ
KEQLKT(TYI)QKLLKTLNDENN
;
B,C
3 'polypeptide(L)'
;MNKDIASASNNNQNITNYSIEENIINLK(IYR)KIRKNAVKKINTEREIQQLSNNDPNKNTLLALKQNLENLIHNQKEQL
KT(TYI)QKLLKTLNDENN
;
D
#
loop_
_chem_comp.id
_chem_comp.type
_chem_comp.name
_chem_comp.formula
IOD non-polymer 'IODIDE ION' 'I -1'
#
# COMPACT_ATOMS: atom_id res chain seq x y z
N SER A 7 -18.66 35.03 12.09
CA SER A 7 -19.32 34.68 10.87
C SER A 7 -18.24 33.86 10.19
N ALA A 8 -17.41 34.68 9.55
CA ALA A 8 -16.35 34.29 8.67
C ALA A 8 -16.10 32.79 8.67
N SER A 9 -15.91 32.15 9.84
CA SER A 9 -15.63 30.73 9.87
C SER A 9 -14.30 30.48 9.19
N ASN A 10 -13.26 30.79 9.96
CA ASN A 10 -11.94 30.68 9.38
C ASN A 10 -11.40 29.29 9.64
N ASN A 11 -11.90 28.32 8.88
CA ASN A 11 -11.35 26.97 8.90
C ASN A 11 -11.07 26.53 7.46
N ASN A 12 -11.98 25.82 6.81
CA ASN A 12 -11.77 25.48 5.41
C ASN A 12 -10.55 24.57 5.24
N GLN A 13 -9.40 24.98 5.78
CA GLN A 13 -8.18 24.16 5.76
C GLN A 13 -8.29 22.95 6.67
N ASN A 14 -9.33 22.90 7.51
CA ASN A 14 -9.57 21.76 8.38
C ASN A 14 -9.29 20.42 7.73
N ILE A 15 -9.81 20.22 6.52
CA ILE A 15 -9.76 18.91 5.88
C ILE A 15 -8.40 18.63 5.26
N THR A 16 -7.60 19.65 5.01
CA THR A 16 -6.33 19.47 4.33
C THR A 16 -5.16 19.30 5.29
N ASN A 17 -5.28 19.76 6.53
CA ASN A 17 -4.32 19.42 7.59
C ASN A 17 -4.40 17.91 7.81
N IYR A 18 -5.47 17.29 7.32
CA IYR A 18 -5.97 16.03 7.86
CB IYR A 18 -7.46 15.74 7.93
CC IYR A 18 -7.74 14.35 8.36
CD IYR A 18 -7.63 14.09 9.71
CE IYR A 18 -7.89 12.84 10.23
IE IYR A 18 -7.63 12.66 12.21
CF IYR A 18 -8.27 11.80 9.39
OF IYR A 18 -8.53 10.53 9.83
CG IYR A 18 -8.39 12.04 8.01
CH IYR A 18 -8.14 13.31 7.49
C IYR A 18 -5.38 15.11 6.83
O IYR A 18 -4.73 14.08 7.02
H IYR A 18 -5.80 17.39 6.38
HA IYR A 18 -5.67 15.90 8.95
HB2 IYR A 18 -7.91 15.91 6.91
HB3 IYR A 18 -7.95 16.45 8.64
HD IYR A 18 -7.34 14.91 10.39
HG IYR A 18 -8.70 11.21 7.35
HH IYR A 18 -8.23 13.49 6.42
N SER A 19 -5.67 15.50 5.58
CA SER A 19 -5.31 14.71 4.41
C SER A 19 -3.80 14.65 4.20
N ILE A 20 -3.09 15.63 4.76
CA ILE A 20 -1.64 15.66 4.70
C ILE A 20 -1.01 14.88 5.86
N GLU A 21 -1.58 15.01 7.05
CA GLU A 21 -1.06 14.28 8.21
C GLU A 21 -1.14 12.78 7.98
N GLU A 22 -2.29 12.29 7.52
CA GLU A 22 -2.45 10.87 7.28
C GLU A 22 -1.51 10.41 6.17
N ASN A 23 -1.32 11.23 5.14
CA ASN A 23 -0.35 10.88 4.10
C ASN A 23 1.08 10.90 4.63
N ILE A 24 1.37 11.77 5.59
CA ILE A 24 2.68 11.76 6.26
C ILE A 24 2.83 10.47 7.05
N ILE A 25 1.84 10.14 7.88
CA ILE A 25 1.85 8.88 8.62
C ILE A 25 2.13 7.71 7.69
N ASN A 26 1.47 7.68 6.53
CA ASN A 26 1.65 6.59 5.58
C ASN A 26 3.10 6.46 5.15
N LEU A 27 3.75 7.57 4.78
CA LEU A 27 5.11 7.48 4.27
C LEU A 27 6.08 7.08 5.37
N LYS A 28 5.87 7.57 6.59
CA LYS A 28 6.72 7.22 7.72
C LYS A 28 6.73 5.70 7.95
N IYR A 29 5.60 5.04 7.77
CA IYR A 29 5.50 3.61 8.06
CB IYR A 29 4.11 3.20 8.59
CC IYR A 29 4.15 3.55 10.05
CD IYR A 29 3.96 4.88 10.48
CE IYR A 29 3.99 5.22 11.83
IE IYR A 29 3.68 7.15 12.36
CF IYR A 29 4.23 4.23 12.79
OF IYR A 29 4.29 4.44 14.14
CG IYR A 29 4.43 2.90 12.38
CH IYR A 29 4.39 2.57 11.03
C IYR A 29 5.93 2.81 6.83
O IYR A 29 6.48 1.72 6.94
HA IYR A 29 6.25 3.28 8.85
HB2 IYR A 29 3.92 2.10 8.43
HB3 IYR A 29 3.30 3.76 8.05
HD IYR A 29 3.78 5.66 9.72
HG IYR A 29 4.62 2.12 13.15
HH IYR A 29 4.55 1.52 10.71
N LYS A 30 5.74 3.38 5.65
CA LYS A 30 6.27 2.74 4.44
C LYS A 30 7.80 2.73 4.45
N ILE A 31 8.38 3.87 4.80
CA ILE A 31 9.84 3.97 4.88
C ILE A 31 10.40 2.90 5.82
N ARG A 32 9.89 2.87 7.06
CA ARG A 32 10.37 1.91 8.05
C ARG A 32 10.07 0.49 7.61
N LYS A 33 8.93 0.27 6.94
CA LYS A 33 8.60 -1.06 6.45
C LYS A 33 9.61 -1.52 5.41
N ASN A 34 10.04 -0.61 4.53
CA ASN A 34 10.92 -0.98 3.43
C ASN A 34 12.35 -1.16 3.92
N ALA A 35 12.72 -0.49 5.02
CA ALA A 35 14.01 -0.75 5.63
C ALA A 35 14.09 -2.19 6.13
N VAL A 36 12.98 -2.74 6.63
CA VAL A 36 12.95 -4.14 7.01
C VAL A 36 13.08 -5.01 5.78
N LYS A 37 12.25 -4.76 4.76
CA LYS A 37 12.35 -5.52 3.52
C LYS A 37 13.78 -5.51 2.98
N LYS A 38 14.45 -4.36 3.04
CA LYS A 38 15.85 -4.30 2.60
C LYS A 38 16.72 -5.22 3.46
N ILE A 39 16.54 -5.15 4.78
CA ILE A 39 17.29 -6.03 5.67
C ILE A 39 17.04 -7.49 5.30
N ASN A 40 15.76 -7.89 5.27
CA ASN A 40 15.42 -9.26 4.88
C ASN A 40 16.14 -9.62 3.58
N THR A 41 16.08 -8.73 2.59
CA THR A 41 16.64 -9.03 1.28
C THR A 41 18.13 -9.30 1.37
N GLU A 42 18.87 -8.40 2.04
CA GLU A 42 20.30 -8.64 2.23
C GLU A 42 20.53 -9.99 2.90
N ARG A 43 19.62 -10.46 3.77
CA ARG A 43 19.93 -11.73 4.43
C ARG A 43 19.68 -12.92 3.47
N GLU A 44 18.54 -13.00 2.78
CA GLU A 44 18.40 -14.14 1.86
C GLU A 44 19.50 -14.12 0.81
N ILE A 45 19.97 -12.93 0.41
CA ILE A 45 21.14 -12.87 -0.46
C ILE A 45 22.28 -13.69 0.14
N GLN A 46 22.53 -13.47 1.44
CA GLN A 46 23.67 -14.10 2.08
C GLN A 46 23.47 -15.59 2.29
N GLN A 47 22.23 -16.06 2.38
CA GLN A 47 21.95 -17.48 2.49
C GLN A 47 21.83 -18.08 1.10
N LEU A 48 22.57 -17.53 0.14
CA LEU A 48 22.49 -17.94 -1.24
C LEU A 48 23.88 -18.16 -1.83
N SER A 49 23.89 -18.80 -3.00
CA SER A 49 25.11 -19.14 -3.73
C SER A 49 25.74 -17.86 -4.30
N ASN A 50 27.00 -17.97 -4.71
CA ASN A 50 27.62 -16.97 -5.59
C ASN A 50 27.27 -17.20 -7.05
N ASN A 51 26.50 -18.25 -7.34
CA ASN A 51 26.19 -18.69 -8.69
C ASN A 51 24.71 -18.50 -9.00
N ASP A 52 23.82 -19.04 -8.19
CA ASP A 52 22.36 -18.98 -8.33
C ASP A 52 21.82 -17.72 -8.99
N PRO A 53 21.00 -17.86 -10.05
CA PRO A 53 20.47 -16.65 -10.70
C PRO A 53 19.57 -15.84 -9.78
N ASN A 54 18.84 -16.50 -8.87
CA ASN A 54 17.97 -15.77 -7.96
C ASN A 54 18.76 -14.85 -7.05
N LYS A 55 20.05 -15.10 -6.86
CA LYS A 55 20.91 -14.14 -6.18
C LYS A 55 20.86 -12.79 -6.89
N ASN A 56 21.07 -12.80 -8.21
CA ASN A 56 21.05 -11.55 -8.98
C ASN A 56 19.69 -10.88 -8.93
N THR A 57 18.61 -11.67 -9.01
CA THR A 57 17.27 -11.12 -8.83
C THR A 57 17.16 -10.38 -7.50
N LEU A 58 17.48 -11.07 -6.41
CA LEU A 58 17.40 -10.46 -5.09
C LEU A 58 18.24 -9.20 -5.03
N LEU A 59 19.49 -9.28 -5.49
CA LEU A 59 20.35 -8.11 -5.51
C LEU A 59 19.61 -6.92 -6.10
N ALA A 60 19.04 -7.11 -7.30
CA ALA A 60 18.33 -6.01 -7.96
C ALA A 60 17.13 -5.55 -7.14
N LEU A 61 16.29 -6.49 -6.70
CA LEU A 61 15.15 -6.08 -5.88
C LEU A 61 15.61 -5.32 -4.63
N LYS A 62 16.86 -5.54 -4.19
CA LYS A 62 17.40 -4.74 -3.10
C LYS A 62 17.75 -3.34 -3.58
N GLN A 63 18.39 -3.23 -4.74
CA GLN A 63 18.70 -1.92 -5.29
C GLN A 63 17.42 -1.11 -5.56
N ASN A 64 16.41 -1.75 -6.16
CA ASN A 64 15.11 -1.08 -6.34
C ASN A 64 14.51 -0.67 -5.00
N LEU A 65 14.78 -1.45 -3.94
CA LEU A 65 14.29 -1.12 -2.61
C LEU A 65 15.08 0.04 -2.01
N GLU A 66 16.32 0.23 -2.44
CA GLU A 66 17.12 1.36 -1.98
C GLU A 66 16.62 2.66 -2.61
N ASN A 67 16.18 2.63 -3.86
CA ASN A 67 15.61 3.83 -4.48
C ASN A 67 14.27 4.15 -3.83
N LEU A 68 13.41 3.15 -3.70
CA LEU A 68 12.10 3.32 -3.09
C LEU A 68 12.19 4.07 -1.77
N ILE A 69 12.99 3.54 -0.85
CA ILE A 69 13.16 4.21 0.44
C ILE A 69 13.57 5.66 0.23
N HIS A 70 14.46 5.90 -0.73
CA HIS A 70 14.97 7.25 -0.97
C HIS A 70 13.88 8.17 -1.51
N ASN A 71 13.12 7.71 -2.51
CA ASN A 71 12.04 8.53 -3.05
C ASN A 71 10.91 8.72 -2.04
N GLN A 72 10.78 7.82 -1.05
CA GLN A 72 9.79 8.00 0.01
C GLN A 72 10.28 8.90 1.13
N LYS A 73 11.59 9.02 1.32
CA LYS A 73 12.13 10.10 2.13
C LYS A 73 11.81 11.44 1.50
N GLU A 74 12.05 11.56 0.19
CA GLU A 74 11.76 12.80 -0.51
C GLU A 74 10.26 13.09 -0.50
N GLN A 75 9.42 12.11 -0.86
CA GLN A 75 7.97 12.27 -0.75
C GLN A 75 7.58 12.82 0.62
N LEU A 76 8.19 12.27 1.68
CA LEU A 76 7.86 12.69 3.04
C LEU A 76 8.20 14.16 3.24
N LYS A 77 9.47 14.52 3.04
CA LYS A 77 9.89 15.91 3.20
C LYS A 77 8.91 16.88 2.53
N THR A 78 8.59 16.62 1.26
CA THR A 78 7.61 17.40 0.50
C THR A 78 6.30 17.65 1.27
N TYI A 79 5.72 16.62 1.87
CA TYI A 79 4.31 16.59 2.16
CB TYI A 79 3.61 15.30 2.48
CG TYI A 79 2.74 14.79 1.43
CD1 TYI A 79 3.13 13.66 0.74
CE1 TYI A 79 2.32 13.13 -0.27
CD2 TYI A 79 1.52 15.42 1.14
CE2 TYI A 79 0.71 14.92 0.12
CZ TYI A 79 1.11 13.76 -0.56
OH TYI A 79 0.25 13.34 -1.55
C TYI A 79 4.32 17.38 3.44
O TYI A 79 3.42 18.07 3.92
I1 TYI A 79 2.96 11.47 -1.22
I2 TYI A 79 -1.04 15.76 -0.39
H TYI A 79 6.20 15.97 2.47
HA TYI A 79 3.71 16.99 1.29
HB2 TYI A 79 3.00 15.46 3.42
HB3 TYI A 79 4.39 14.53 2.72
HD1 TYI A 79 4.09 13.17 0.98
HD2 TYI A 79 1.22 16.32 1.70
N GLN A 80 5.43 17.13 4.12
CA GLN A 80 5.78 17.91 5.27
C GLN A 80 5.71 19.37 4.74
N LYS A 81 6.71 19.80 3.96
CA LYS A 81 6.81 21.20 3.54
C LYS A 81 5.46 21.82 3.19
N LEU A 82 4.70 21.13 2.34
CA LEU A 82 3.39 21.62 1.92
C LEU A 82 2.56 22.05 3.13
N LEU A 83 2.32 21.13 4.05
CA LEU A 83 1.66 21.50 5.29
C LEU A 83 2.66 22.10 6.26
N LYS A 84 3.76 21.37 6.53
CA LYS A 84 4.80 21.74 7.51
C LYS A 84 4.74 23.20 7.92
N THR A 85 5.70 24.00 7.47
CA THR A 85 5.64 25.40 7.85
C THR A 85 4.46 26.08 7.18
N LEU A 86 4.19 25.74 5.93
CA LEU A 86 3.16 26.50 5.22
C LEU A 86 1.75 26.09 5.62
N ASN A 87 1.60 25.65 6.87
CA ASN A 87 0.36 25.80 7.63
C ASN A 87 0.21 27.23 8.13
N ASP A 88 0.68 28.18 7.32
CA ASP A 88 0.81 29.58 7.68
C ASP A 88 0.12 30.43 6.65
N GLU A 89 -1.13 30.06 6.37
CA GLU A 89 -2.01 30.82 5.48
C GLU A 89 -1.24 31.35 4.30
N ASN A 90 -1.15 30.53 3.27
CA ASN A 90 -0.43 30.91 2.09
C ASN A 90 -1.39 31.44 1.03
N ASN A 91 -2.00 30.53 0.30
CA ASN A 91 -3.08 30.86 -0.59
C ASN A 91 -4.01 29.70 -0.53
N ASP B 4 14.17 -37.86 -0.30
CA ASP B 4 13.55 -38.80 0.62
C ASP B 4 13.76 -38.42 2.08
N ILE B 5 15.03 -38.36 2.48
CA ILE B 5 15.41 -38.15 3.87
C ILE B 5 16.84 -37.68 3.96
N ALA B 6 17.23 -36.78 3.06
CA ALA B 6 18.51 -36.14 3.25
C ALA B 6 18.33 -34.92 4.14
N SER B 7 19.44 -34.36 4.62
CA SER B 7 19.32 -33.34 5.66
C SER B 7 18.54 -32.12 5.18
N ALA B 8 18.19 -31.28 6.16
CA ALA B 8 17.17 -30.24 5.98
C ALA B 8 17.78 -28.95 5.45
N SER B 9 18.21 -28.99 4.20
CA SER B 9 18.80 -27.78 3.68
C SER B 9 17.73 -26.81 3.14
N ASN B 10 16.43 -27.14 3.34
CA ASN B 10 15.36 -26.17 3.04
C ASN B 10 15.73 -24.78 3.55
N ASN B 11 16.47 -24.68 4.66
CA ASN B 11 16.87 -23.37 5.16
C ASN B 11 17.99 -22.74 4.35
N ASN B 12 18.46 -23.40 3.30
CA ASN B 12 19.58 -22.88 2.53
C ASN B 12 19.11 -21.85 1.49
N GLN B 13 18.35 -22.30 0.50
CA GLN B 13 18.11 -21.48 -0.69
C GLN B 13 16.72 -21.81 -1.21
N ASN B 14 15.76 -20.92 -0.91
CA ASN B 14 14.35 -21.18 -1.15
C ASN B 14 13.58 -19.87 -1.02
N ILE B 15 12.50 -19.73 -1.78
CA ILE B 15 11.66 -18.54 -1.77
C ILE B 15 10.33 -18.92 -1.13
N THR B 16 10.38 -19.94 -0.28
CA THR B 16 9.31 -20.21 0.69
C THR B 16 9.50 -19.42 1.98
N ASN B 17 10.74 -19.32 2.46
CA ASN B 17 11.11 -18.46 3.58
C ASN B 17 10.85 -17.04 3.10
N TYI B 18 11.05 -16.84 1.79
CA TYI B 18 10.81 -15.58 1.10
CB TYI B 18 11.72 -15.40 -0.12
CG TYI B 18 12.10 -13.98 -0.25
CD1 TYI B 18 11.46 -13.10 -1.15
CE1 TYI B 18 11.72 -11.70 -1.32
CD2 TYI B 18 13.05 -13.43 0.53
CE2 TYI B 18 13.39 -12.12 0.42
CZ TYI B 18 12.79 -11.23 -0.50
OH TYI B 18 13.20 -9.93 -0.56
C TYI B 18 9.38 -15.49 0.61
O TYI B 18 8.56 -16.40 0.74
I1 TYI B 18 10.80 -10.44 -2.65
I2 TYI B 18 14.80 -11.76 1.76
HA TYI B 18 10.94 -14.73 1.83
HB2 TYI B 18 11.19 -15.75 -1.05
HB3 TYI B 18 12.64 -16.04 -0.01
HD1 TYI B 18 10.67 -13.53 -1.78
HD2 TYI B 18 13.56 -14.06 1.29
N SER B 19 9.08 -14.34 0.01
CA SER B 19 7.76 -14.06 -0.55
C SER B 19 6.72 -13.93 0.56
N ILE B 20 6.51 -15.05 1.25
CA ILE B 20 5.67 -15.04 2.46
C ILE B 20 6.25 -14.06 3.47
N GLU B 21 7.49 -14.30 3.90
CA GLU B 21 8.15 -13.45 4.88
C GLU B 21 7.86 -11.97 4.61
N GLU B 22 8.01 -11.55 3.35
CA GLU B 22 7.80 -10.15 3.02
C GLU B 22 6.36 -9.73 3.28
N ASN B 23 5.39 -10.59 2.92
CA ASN B 23 3.99 -10.24 3.11
C ASN B 23 3.66 -10.00 4.58
N ILE B 24 4.27 -10.78 5.48
CA ILE B 24 3.98 -10.60 6.90
C ILE B 24 4.60 -9.31 7.40
N ILE B 25 5.82 -8.98 6.94
CA ILE B 25 6.40 -7.70 7.27
C ILE B 25 5.47 -6.58 6.77
N ASN B 26 4.93 -6.74 5.56
CA ASN B 26 3.98 -5.77 5.04
C ASN B 26 2.83 -5.58 6.02
N LEU B 27 2.23 -6.68 6.48
CA LEU B 27 1.06 -6.59 7.35
C LEU B 27 1.43 -5.99 8.71
N LYS B 28 2.55 -6.41 9.30
CA LYS B 28 2.95 -5.88 10.60
C LYS B 28 2.90 -4.35 10.58
N TYI B 29 3.43 -3.75 9.52
CA TYI B 29 3.60 -2.32 9.46
CB TYI B 29 4.85 -1.98 8.59
CG TYI B 29 6.04 -2.26 9.44
CD1 TYI B 29 6.57 -3.55 9.66
CE1 TYI B 29 7.68 -3.75 10.48
CD2 TYI B 29 6.63 -1.18 10.09
CE2 TYI B 29 7.73 -1.38 10.92
CZ TYI B 29 8.26 -2.66 11.12
OH TYI B 29 9.34 -2.74 11.96
C TYI B 29 2.40 -1.57 8.95
O TYI B 29 2.19 -0.41 9.29
I1 TYI B 29 8.44 -5.61 10.75
I2 TYI B 29 8.52 0.18 11.91
HA TYI B 29 3.69 -1.88 10.50
HB2 TYI B 29 4.83 -0.90 8.27
HB3 TYI B 29 4.86 -2.61 7.66
HD1 TYI B 29 6.10 -4.41 9.15
HD2 TYI B 29 6.22 -0.16 9.95
N LYS B 30 1.56 -2.25 8.19
CA LYS B 30 0.26 -1.67 7.86
C LYS B 30 -0.57 -1.64 9.14
N ILE B 31 -0.50 -2.71 9.94
CA ILE B 31 -1.19 -2.74 11.22
C ILE B 31 -0.78 -1.56 12.09
N ARG B 32 0.53 -1.33 12.20
CA ARG B 32 0.99 -0.24 13.05
C ARG B 32 0.65 1.12 12.44
N LYS B 33 0.79 1.27 11.13
CA LYS B 33 0.37 2.51 10.48
C LYS B 33 -1.08 2.83 10.81
N ASN B 34 -1.99 1.86 10.58
CA ASN B 34 -3.42 2.13 10.75
C ASN B 34 -3.78 2.37 12.21
N ALA B 35 -3.00 1.84 13.15
CA ALA B 35 -3.22 2.16 14.56
C ALA B 35 -2.94 3.63 14.83
N VAL B 36 -1.83 4.13 14.28
CA VAL B 36 -1.55 5.55 14.39
C VAL B 36 -2.64 6.33 13.68
N LYS B 37 -2.99 5.96 12.46
CA LYS B 37 -4.02 6.72 11.75
C LYS B 37 -5.32 6.82 12.54
N LYS B 38 -5.73 5.72 13.18
CA LYS B 38 -6.90 5.73 14.03
C LYS B 38 -6.69 6.60 15.26
N ILE B 39 -5.50 6.57 15.85
CA ILE B 39 -5.21 7.47 16.96
C ILE B 39 -5.39 8.93 16.54
N ASN B 40 -4.96 9.29 15.32
CA ASN B 40 -5.24 10.63 14.79
C ASN B 40 -6.72 10.93 14.79
N THR B 41 -7.49 10.01 14.22
CA THR B 41 -8.92 10.18 14.09
C THR B 41 -9.55 10.24 15.46
N GLU B 42 -9.09 9.44 16.43
CA GLU B 42 -9.51 9.64 17.82
C GLU B 42 -9.20 11.05 18.28
N ARG B 43 -8.05 11.60 17.90
CA ARG B 43 -7.62 12.89 18.44
C ARG B 43 -8.44 14.03 17.85
N GLU B 44 -8.64 14.03 16.53
CA GLU B 44 -9.43 15.10 15.95
C GLU B 44 -10.88 14.99 16.35
N ILE B 45 -11.35 13.80 16.75
CA ILE B 45 -12.69 13.63 17.32
C ILE B 45 -12.78 14.17 18.75
N GLN B 46 -11.63 14.31 19.43
CA GLN B 46 -11.58 14.89 20.77
C GLN B 46 -11.51 16.41 20.71
N GLN B 47 -10.63 16.95 19.86
CA GLN B 47 -10.52 18.38 19.65
C GLN B 47 -11.70 18.93 18.84
N LEU B 48 -12.50 18.10 18.19
CA LEU B 48 -13.60 18.58 17.33
C LEU B 48 -14.70 19.27 18.19
N SER B 49 -15.73 19.92 17.50
CA SER B 49 -17.17 19.90 17.86
C SER B 49 -17.97 18.58 17.97
N ASN B 50 -19.09 18.69 18.72
CA ASN B 50 -20.02 17.60 19.02
C ASN B 50 -21.26 17.76 18.16
N ASN B 51 -21.27 18.80 17.32
CA ASN B 51 -22.34 19.21 16.44
C ASN B 51 -21.76 19.67 15.12
N ASP B 52 -20.46 19.38 14.87
CA ASP B 52 -19.87 19.87 13.65
C ASP B 52 -20.10 18.94 12.49
N PRO B 53 -19.92 19.44 11.25
CA PRO B 53 -20.01 18.55 10.10
C PRO B 53 -18.83 17.61 9.98
N ASN B 54 -17.64 18.01 10.42
CA ASN B 54 -16.50 17.12 10.31
C ASN B 54 -16.54 16.00 11.34
N LYS B 55 -17.16 16.22 12.51
CA LYS B 55 -17.20 15.12 13.49
C LYS B 55 -17.82 13.87 12.90
N ASN B 56 -18.76 14.03 11.97
CA ASN B 56 -19.45 12.87 11.41
C ASN B 56 -18.55 12.11 10.44
N THR B 57 -17.89 12.84 9.53
CA THR B 57 -16.94 12.22 8.61
C THR B 57 -15.78 11.59 9.38
N LEU B 58 -15.12 12.38 10.22
CA LEU B 58 -14.08 11.83 11.08
C LEU B 58 -14.61 10.68 11.91
N LEU B 59 -15.72 10.91 12.61
CA LEU B 59 -16.39 9.78 13.22
C LEU B 59 -16.94 8.83 12.17
N ALA B 60 -16.76 9.04 10.87
CA ALA B 60 -17.09 7.99 9.90
C ALA B 60 -15.86 7.35 9.29
N LEU B 61 -14.66 7.88 9.55
CA LEU B 61 -13.39 7.23 9.20
C LEU B 61 -12.73 6.32 10.26
N LYS B 62 -12.58 6.69 11.54
CA LYS B 62 -12.10 5.81 12.61
C LYS B 62 -12.71 4.42 12.46
N GLN B 63 -13.99 4.29 12.78
CA GLN B 63 -14.78 3.11 12.47
C GLN B 63 -14.16 2.13 11.50
N ASN B 64 -13.99 2.52 10.23
CA ASN B 64 -13.50 1.56 9.24
C ASN B 64 -12.03 1.22 9.47
N LEU B 65 -11.24 2.16 10.02
CA LEU B 65 -9.88 1.81 10.41
C LEU B 65 -9.86 0.77 11.52
N GLU B 66 -10.89 0.77 12.38
CA GLU B 66 -11.00 -0.29 13.38
C GLU B 66 -11.15 -1.65 12.70
N ASN B 67 -12.05 -1.73 11.72
CA ASN B 67 -12.28 -2.98 11.03
C ASN B 67 -11.09 -3.36 10.15
N LEU B 68 -10.47 -2.38 9.50
CA LEU B 68 -9.25 -2.66 8.75
C LEU B 68 -8.19 -3.27 9.67
N ILE B 69 -7.95 -2.66 10.82
CA ILE B 69 -6.96 -3.19 11.76
C ILE B 69 -7.29 -4.63 12.11
N HIS B 70 -8.57 -4.92 12.35
CA HIS B 70 -8.96 -6.28 12.70
C HIS B 70 -8.72 -7.24 11.53
N ASN B 71 -9.16 -6.87 10.33
CA ASN B 71 -8.99 -7.75 9.17
C ASN B 71 -7.51 -7.93 8.82
N GLN B 72 -6.68 -6.94 9.14
CA GLN B 72 -5.24 -7.06 8.89
C GLN B 72 -4.57 -7.97 9.91
N LYS B 73 -5.02 -7.90 11.17
CA LYS B 73 -4.51 -8.82 12.17
C LYS B 73 -4.81 -10.27 11.80
N GLU B 74 -6.00 -10.53 11.25
CA GLU B 74 -6.34 -11.89 10.85
C GLU B 74 -5.51 -12.33 9.65
N GLN B 75 -5.36 -11.46 8.65
CA GLN B 75 -4.48 -11.75 7.52
C GLN B 75 -3.10 -12.19 8.01
N LEU B 76 -2.62 -11.58 9.09
CA LEU B 76 -1.28 -11.87 9.60
C LEU B 76 -1.21 -13.25 10.23
N LYS B 77 -2.26 -13.65 10.95
CA LYS B 77 -2.30 -14.99 11.53
C LYS B 77 -2.27 -16.05 10.43
N THR B 78 -3.03 -15.83 9.36
CA THR B 78 -3.12 -16.75 8.24
C THR B 78 -1.77 -17.03 7.57
N TYI B 79 -0.94 -16.01 7.43
CA TYI B 79 0.08 -15.98 6.41
CB TYI B 79 0.45 -14.63 5.81
CG TYI B 79 0.06 -14.24 4.47
CD1 TYI B 79 -0.77 -13.15 4.32
CE1 TYI B 79 -1.18 -12.76 3.03
CD2 TYI B 79 0.54 -14.94 3.40
CE2 TYI B 79 0.14 -14.55 2.18
CZ TYI B 79 -0.72 -13.48 1.94
OH TYI B 79 -1.04 -13.20 0.64
C TYI B 79 1.17 -16.55 7.32
O TYI B 79 2.11 -17.24 6.97
I1 TYI B 79 -2.43 -11.21 2.77
I2 TYI B 79 0.85 -15.73 0.76
H TYI B 79 -0.67 -15.39 8.18
HA TYI B 79 -0.12 -16.54 5.45
HB2 TYI B 79 1.57 -14.56 5.87
HB3 TYI B 79 0.03 -13.86 6.52
HD1 TYI B 79 -1.11 -12.59 5.20
HD2 TYI B 79 1.23 -15.80 3.55
N GLN B 80 1.02 -16.19 8.60
CA GLN B 80 1.89 -16.72 9.66
C GLN B 80 1.60 -18.22 9.84
N LYS B 81 0.33 -18.61 9.96
CA LYS B 81 0.03 -20.02 10.01
C LYS B 81 0.66 -20.73 8.81
N LEU B 82 0.52 -20.12 7.62
CA LEU B 82 1.21 -20.64 6.44
C LEU B 82 2.73 -20.61 6.65
N LEU B 83 3.21 -19.99 7.72
CA LEU B 83 4.65 -20.01 8.00
C LEU B 83 5.06 -21.22 8.83
N LYS B 84 4.47 -21.37 10.02
CA LYS B 84 4.72 -22.56 10.82
C LYS B 84 4.48 -23.83 10.02
N THR B 85 3.46 -23.82 9.16
CA THR B 85 3.08 -25.04 8.43
C THR B 85 4.21 -25.56 7.55
N LEU B 86 4.77 -24.72 6.67
CA LEU B 86 5.83 -25.22 5.79
C LEU B 86 7.16 -25.19 6.56
N ASN B 87 8.12 -24.35 6.21
CA ASN B 87 9.40 -24.48 6.89
C ASN B 87 9.28 -23.77 8.23
N ASP B 88 10.12 -24.20 9.23
CA ASP B 88 9.84 -23.83 10.62
C ASP B 88 8.75 -24.68 11.16
N GLU B 89 8.71 -25.95 10.71
CA GLU B 89 7.61 -26.84 11.03
C GLU B 89 7.38 -26.88 12.54
N ASN B 90 6.65 -25.89 13.08
CA ASN B 90 6.56 -25.68 14.52
C ASN B 90 7.79 -26.27 15.20
N ASN B 91 8.97 -25.83 14.81
CA ASN B 91 10.16 -26.36 15.45
C ASN B 91 10.47 -27.77 14.99
N ASN C 11 3.23 -35.55 -5.87
CA ASN C 11 4.51 -34.91 -5.65
C ASN C 11 4.68 -33.71 -6.58
N ASN C 12 3.72 -32.78 -6.51
CA ASN C 12 3.74 -31.57 -7.32
C ASN C 12 3.59 -30.37 -6.39
N GLN C 13 4.46 -29.38 -6.54
CA GLN C 13 4.24 -28.08 -5.92
C GLN C 13 2.80 -27.63 -6.16
N ASN C 14 2.14 -27.12 -5.13
CA ASN C 14 0.69 -26.88 -5.23
C ASN C 14 0.37 -25.66 -6.08
N ILE C 15 0.24 -24.47 -5.49
CA ILE C 15 0.02 -23.31 -6.33
C ILE C 15 1.33 -22.83 -6.95
N THR C 16 2.40 -22.82 -6.16
CA THR C 16 3.74 -22.65 -6.69
C THR C 16 4.08 -21.24 -7.13
N ASN C 17 3.75 -20.93 -8.38
CA ASN C 17 4.01 -19.63 -9.00
C ASN C 17 2.87 -18.69 -8.65
N TYI C 18 2.54 -18.60 -7.36
CA TYI C 18 1.36 -17.88 -6.91
CB TYI C 18 0.46 -18.72 -5.97
CG TYI C 18 -0.72 -17.96 -5.44
CD1 TYI C 18 -0.60 -17.24 -4.25
CE1 TYI C 18 -1.68 -16.52 -3.76
CD2 TYI C 18 -1.94 -17.95 -6.13
CE2 TYI C 18 -3.03 -17.24 -5.63
CZ TYI C 18 -2.90 -16.52 -4.44
OH TYI C 18 -4.00 -15.83 -4.01
C TYI C 18 1.70 -16.60 -6.18
O TYI C 18 1.11 -15.54 -6.35
I1 TYI C 18 -1.41 -15.50 -2.02
I2 TYI C 18 -4.74 -17.27 -6.69
HA TYI C 18 0.79 -17.55 -7.82
HB2 TYI C 18 1.08 -19.09 -5.10
HB3 TYI C 18 0.10 -19.62 -6.53
HD1 TYI C 18 0.35 -17.24 -3.70
HD2 TYI C 18 -2.02 -18.51 -7.07
N SER C 19 2.69 -16.69 -5.29
CA SER C 19 3.07 -15.56 -4.48
C SER C 19 3.80 -14.50 -5.31
N ILE C 20 4.29 -14.93 -6.47
CA ILE C 20 4.90 -14.03 -7.44
C ILE C 20 3.89 -13.55 -8.48
N GLU C 21 2.83 -14.32 -8.72
CA GLU C 21 1.73 -13.87 -9.55
C GLU C 21 1.06 -12.64 -8.95
N GLU C 22 0.72 -12.71 -7.66
CA GLU C 22 -0.02 -11.63 -7.00
C GLU C 22 0.87 -10.44 -6.66
N ASN C 23 2.18 -10.61 -6.55
CA ASN C 23 3.05 -9.44 -6.43
C ASN C 23 3.15 -8.69 -7.74
N ILE C 24 3.09 -9.41 -8.87
CA ILE C 24 3.02 -8.77 -10.17
C ILE C 24 1.75 -7.94 -10.29
N ILE C 25 0.61 -8.53 -9.92
CA ILE C 25 -0.65 -7.79 -9.98
C ILE C 25 -0.58 -6.54 -9.12
N ASN C 26 -0.07 -6.67 -7.89
CA ASN C 26 0.03 -5.52 -7.00
C ASN C 26 0.78 -4.37 -7.66
N LEU C 27 1.76 -4.66 -8.51
CA LEU C 27 2.56 -3.61 -9.14
C LEU C 27 1.83 -2.95 -10.29
N LYS C 28 1.27 -3.73 -11.21
CA LYS C 28 0.50 -3.17 -12.32
C LYS C 28 -0.48 -2.11 -11.77
N TYI C 29 -1.14 -2.42 -10.65
CA TYI C 29 -2.21 -1.57 -10.15
CB TYI C 29 -3.30 -2.34 -9.39
CG TYI C 29 -4.12 -2.94 -10.46
CD1 TYI C 29 -3.83 -4.19 -11.00
CE1 TYI C 29 -4.60 -4.75 -12.03
CD2 TYI C 29 -5.18 -2.25 -10.96
CE2 TYI C 29 -5.80 -2.89 -11.93
CZ TYI C 29 -5.64 -4.07 -12.53
OH TYI C 29 -6.49 -4.49 -13.53
C TYI C 29 -1.70 -0.45 -9.25
O TYI C 29 -2.33 0.72 -9.54
I1 TYI C 29 -4.14 -6.54 -12.79
I2 TYI C 29 -7.34 -1.91 -12.47
HA TYI C 29 -2.65 -1.01 -11.03
HB2 TYI C 29 -3.90 -1.66 -8.73
HB3 TYI C 29 -2.85 -3.13 -8.73
HD1 TYI C 29 -2.95 -4.74 -10.62
HD2 TYI C 29 -5.47 -1.25 -10.59
N LYS C 30 -0.45 -0.57 -8.80
CA LYS C 30 0.22 0.52 -8.11
C LYS C 30 0.77 1.48 -9.18
N ILE C 31 1.22 0.92 -10.30
CA ILE C 31 1.72 1.73 -11.40
C ILE C 31 0.61 2.60 -11.96
N ARG C 32 -0.47 1.97 -12.46
CA ARG C 32 -1.56 2.74 -13.05
C ARG C 32 -2.19 3.69 -12.04
N LYS C 33 -2.11 3.37 -10.74
CA LYS C 33 -2.64 4.26 -9.71
C LYS C 33 -1.84 5.56 -9.63
N ASN C 34 -0.54 5.46 -9.38
CA ASN C 34 0.28 6.65 -9.29
C ASN C 34 0.41 7.38 -10.62
N ALA C 35 0.20 6.69 -11.74
CA ALA C 35 0.04 7.40 -13.00
C ALA C 35 -1.15 8.34 -12.93
N VAL C 36 -2.30 7.82 -12.51
CA VAL C 36 -3.49 8.66 -12.35
C VAL C 36 -3.23 9.78 -11.36
N LYS C 37 -2.57 9.46 -10.24
CA LYS C 37 -2.20 10.48 -9.27
C LYS C 37 -1.30 11.54 -9.90
N LYS C 38 -0.31 11.10 -10.69
CA LYS C 38 0.58 12.03 -11.38
C LYS C 38 -0.23 12.99 -12.23
N ILE C 39 -1.06 12.46 -13.15
CA ILE C 39 -1.84 13.30 -14.04
C ILE C 39 -2.70 14.28 -13.27
N ASN C 40 -3.16 13.90 -12.08
CA ASN C 40 -4.01 14.80 -11.32
C ASN C 40 -3.20 15.85 -10.57
N THR C 41 -1.93 15.60 -10.30
CA THR C 41 -1.08 16.64 -9.72
C THR C 41 -0.75 17.71 -10.75
N GLU C 42 -0.39 17.28 -11.95
CA GLU C 42 -0.14 18.23 -13.03
C GLU C 42 -1.39 19.04 -13.34
N ARG C 43 -2.54 18.38 -13.40
CA ARG C 43 -3.79 19.11 -13.49
C ARG C 43 -3.86 20.20 -12.43
N GLU C 44 -3.71 19.82 -11.16
CA GLU C 44 -3.76 20.80 -10.09
C GLU C 44 -2.76 21.92 -10.35
N ILE C 45 -1.50 21.55 -10.66
CA ILE C 45 -0.46 22.55 -10.91
C ILE C 45 -0.93 23.57 -11.94
N GLN C 46 -1.63 23.09 -12.98
CA GLN C 46 -2.02 23.98 -14.07
C GLN C 46 -3.11 24.96 -13.63
N GLN C 47 -4.04 24.52 -12.80
CA GLN C 47 -5.10 25.40 -12.33
C GLN C 47 -4.58 26.48 -11.39
N LEU C 48 -3.35 26.34 -10.91
CA LEU C 48 -2.68 27.35 -10.11
C LEU C 48 -1.88 28.24 -11.03
N SER C 49 -2.05 29.56 -10.91
CA SER C 49 -1.31 30.50 -11.75
C SER C 49 -0.66 31.59 -10.91
N ASN C 50 0.67 31.72 -11.05
CA ASN C 50 1.52 32.57 -10.22
C ASN C 50 1.05 32.46 -8.79
N ASN C 51 0.70 31.24 -8.35
CA ASN C 51 0.25 30.98 -7.00
C ASN C 51 1.35 31.29 -5.98
N ASP C 52 1.25 30.65 -4.82
CA ASP C 52 2.06 30.86 -3.62
C ASP C 52 3.07 29.71 -3.57
N PRO C 53 3.72 29.44 -2.37
CA PRO C 53 4.61 28.24 -2.30
C PRO C 53 3.86 26.95 -2.13
N ASN C 54 2.81 26.78 -2.92
CA ASN C 54 2.16 25.48 -3.12
C ASN C 54 2.36 24.96 -4.52
N LYS C 55 2.43 25.84 -5.52
CA LYS C 55 2.66 25.43 -6.90
C LYS C 55 3.99 24.70 -7.06
N ASN C 56 5.01 25.15 -6.34
CA ASN C 56 6.31 24.49 -6.44
C ASN C 56 6.40 23.24 -5.59
N THR C 57 5.65 23.18 -4.48
CA THR C 57 5.62 21.97 -3.69
C THR C 57 4.95 20.83 -4.46
N LEU C 58 3.87 21.15 -5.18
CA LEU C 58 3.15 20.11 -5.93
C LEU C 58 4.04 19.50 -7.01
N LEU C 59 4.71 20.35 -7.80
CA LEU C 59 5.53 19.86 -8.89
C LEU C 59 6.67 18.98 -8.39
N ALA C 60 7.15 19.23 -7.17
CA ALA C 60 8.06 18.27 -6.53
C ALA C 60 7.34 16.95 -6.29
N LEU C 61 6.15 17.03 -5.69
CA LEU C 61 5.34 15.83 -5.46
C LEU C 61 5.05 15.08 -6.77
N LYS C 62 4.62 15.82 -7.80
CA LYS C 62 4.49 15.24 -9.14
C LYS C 62 5.74 14.47 -9.53
N GLN C 63 6.92 15.11 -9.42
CA GLN C 63 8.16 14.48 -9.84
C GLN C 63 8.39 13.22 -9.02
N ASN C 64 8.27 13.30 -7.67
CA ASN C 64 8.39 12.14 -6.81
C ASN C 64 7.52 11.00 -7.34
N LEU C 65 6.31 11.29 -7.86
CA LEU C 65 5.46 10.22 -8.37
C LEU C 65 6.05 9.57 -9.61
N GLU C 66 6.61 10.39 -10.51
CA GLU C 66 7.26 9.86 -11.70
C GLU C 66 8.36 8.85 -11.34
N ASN C 67 9.19 9.19 -10.35
CA ASN C 67 10.24 8.25 -9.97
C ASN C 67 9.66 7.02 -9.33
N LEU C 68 8.70 7.18 -8.41
CA LEU C 68 8.01 6.05 -7.83
C LEU C 68 7.44 5.15 -8.92
N ILE C 69 7.01 5.73 -10.05
CA ILE C 69 6.49 4.91 -11.14
C ILE C 69 7.62 4.16 -11.84
N HIS C 70 8.76 4.83 -12.07
CA HIS C 70 9.90 4.15 -12.68
C HIS C 70 10.37 3.00 -11.80
N ASN C 71 10.54 3.26 -10.51
CA ASN C 71 11.07 2.23 -9.61
C ASN C 71 10.11 1.04 -9.49
N GLN C 72 8.79 1.29 -9.58
CA GLN C 72 7.83 0.20 -9.54
C GLN C 72 7.76 -0.55 -10.86
N LYS C 73 8.04 0.12 -11.97
CA LYS C 73 8.06 -0.54 -13.26
C LYS C 73 9.17 -1.57 -13.34
N GLU C 74 10.32 -1.27 -12.74
CA GLU C 74 11.44 -2.20 -12.77
C GLU C 74 11.29 -3.29 -11.71
N GLN C 75 10.63 -2.97 -10.60
CA GLN C 75 10.13 -4.04 -9.73
C GLN C 75 9.25 -4.99 -10.51
N LEU C 76 8.35 -4.45 -11.32
CA LEU C 76 7.47 -5.29 -12.13
C LEU C 76 8.25 -6.12 -13.15
N LYS C 77 9.09 -5.45 -13.95
CA LYS C 77 9.80 -6.13 -15.03
C LYS C 77 10.55 -7.35 -14.53
N THR C 78 11.03 -7.30 -13.28
CA THR C 78 11.80 -8.39 -12.73
C THR C 78 10.96 -9.63 -12.39
N TYI C 79 9.71 -9.39 -12.00
CA TYI C 79 8.90 -10.35 -11.28
CB TYI C 79 7.80 -9.86 -10.34
CG TYI C 79 8.35 -9.70 -8.95
CD1 TYI C 79 8.98 -10.77 -8.29
CE1 TYI C 79 9.48 -10.66 -6.99
CD2 TYI C 79 8.23 -8.48 -8.28
CE2 TYI C 79 8.72 -8.36 -6.98
CZ TYI C 79 9.33 -9.44 -6.35
OH TYI C 79 9.77 -9.18 -5.09
C TYI C 79 8.42 -10.98 -12.58
O TYI C 79 8.42 -12.18 -12.85
I1 TYI C 79 10.43 -12.21 -6.10
I2 TYI C 79 8.57 -6.65 -5.92
H TYI C 79 9.10 -8.74 -12.46
HA TYI C 79 9.38 -11.03 -10.51
HB2 TYI C 79 6.96 -10.60 -10.33
HB3 TYI C 79 7.40 -8.88 -10.72
HD1 TYI C 79 9.06 -11.75 -8.81
HD2 TYI C 79 7.74 -7.62 -8.78
N GLN C 80 8.01 -10.07 -13.49
CA GLN C 80 7.55 -10.47 -14.83
C GLN C 80 8.59 -11.34 -15.53
N LYS C 81 9.77 -10.78 -15.79
CA LYS C 81 10.82 -11.53 -16.47
C LYS C 81 11.24 -12.76 -15.69
N LEU C 82 11.22 -12.69 -14.36
CA LEU C 82 11.57 -13.85 -13.55
C LEU C 82 10.54 -14.96 -13.69
N LEU C 83 9.25 -14.62 -13.73
CA LEU C 83 8.23 -15.64 -13.88
C LEU C 83 8.31 -16.33 -15.23
N LYS C 84 8.87 -15.68 -16.25
CA LYS C 84 9.16 -16.37 -17.50
C LYS C 84 10.37 -17.29 -17.38
N THR C 85 11.27 -17.01 -16.44
CA THR C 85 12.45 -17.85 -16.22
C THR C 85 12.09 -19.18 -15.59
N LEU C 86 11.60 -19.14 -14.34
CA LEU C 86 11.35 -20.37 -13.60
C LEU C 86 10.42 -21.33 -14.33
N ASN C 87 9.57 -20.85 -15.22
CA ASN C 87 8.75 -21.69 -16.09
C ASN C 87 9.39 -21.76 -17.48
N ASP C 88 10.74 -21.85 -17.50
CA ASP C 88 11.52 -22.10 -18.69
C ASP C 88 11.26 -23.53 -19.14
N GLU C 89 12.30 -24.30 -19.41
CA GLU C 89 12.05 -25.67 -19.82
C GLU C 89 11.50 -26.48 -18.66
N ASN C 90 10.71 -27.51 -18.99
CA ASN C 90 9.89 -28.19 -18.00
C ASN C 90 8.91 -27.17 -17.43
N ASN C 91 7.70 -27.17 -17.96
CA ASN C 91 6.68 -26.20 -17.60
C ASN C 91 5.29 -26.82 -17.75
N ASN D 11 -10.86 30.99 -0.32
CA ASN D 11 -9.78 30.67 -1.25
C ASN D 11 -9.03 29.45 -0.75
N ASN D 12 -7.99 29.05 -1.50
CA ASN D 12 -7.12 27.95 -1.12
C ASN D 12 -7.82 26.61 -1.06
N GLN D 13 -8.94 26.45 -1.76
CA GLN D 13 -9.65 25.19 -1.74
C GLN D 13 -9.27 24.28 -2.90
N ASN D 14 -8.45 24.77 -3.83
CA ASN D 14 -7.88 23.89 -4.84
C ASN D 14 -7.00 22.82 -4.20
N ILE D 15 -6.13 23.23 -3.28
CA ILE D 15 -5.25 22.28 -2.60
C ILE D 15 -6.06 21.27 -1.80
N THR D 16 -7.25 21.66 -1.35
CA THR D 16 -8.06 20.74 -0.55
C THR D 16 -8.81 19.74 -1.42
N ASN D 17 -9.45 20.20 -2.50
CA ASN D 17 -10.02 19.25 -3.45
C ASN D 17 -8.96 18.31 -3.97
N TYR D 18 -7.72 18.79 -4.10
CA TYR D 18 -6.61 17.93 -4.50
C TYR D 18 -6.42 16.76 -3.53
N SER D 19 -6.24 17.08 -2.24
CA SER D 19 -5.86 16.05 -1.28
C SER D 19 -6.95 14.99 -1.13
N ILE D 20 -8.22 15.40 -1.10
CA ILE D 20 -9.31 14.43 -1.10
C ILE D 20 -9.25 13.58 -2.37
N GLU D 21 -9.12 14.24 -3.53
CA GLU D 21 -9.02 13.51 -4.79
C GLU D 21 -7.92 12.47 -4.75
N GLU D 22 -6.79 12.78 -4.11
CA GLU D 22 -5.68 11.85 -4.08
C GLU D 22 -6.00 10.64 -3.19
N ASN D 23 -6.72 10.85 -2.10
CA ASN D 23 -7.23 9.71 -1.33
C ASN D 23 -8.26 8.93 -2.14
N ILE D 24 -9.08 9.62 -2.95
CA ILE D 24 -10.12 8.96 -3.71
C ILE D 24 -9.51 8.07 -4.80
N ILE D 25 -8.50 8.59 -5.53
CA ILE D 25 -7.90 7.82 -6.61
C ILE D 25 -7.14 6.62 -6.03
N ASN D 26 -6.52 6.81 -4.86
CA ASN D 26 -5.82 5.72 -4.20
C ASN D 26 -6.78 4.61 -3.78
N LEU D 27 -8.05 4.95 -3.55
CA LEU D 27 -9.02 3.97 -3.08
C LEU D 27 -9.65 3.21 -4.24
N LYS D 28 -10.01 3.91 -5.31
CA LYS D 28 -10.55 3.25 -6.50
C LYS D 28 -9.63 2.07 -6.88
N IYR D 29 -8.33 2.32 -6.85
CA IYR D 29 -7.34 1.37 -7.37
CB IYR D 29 -6.08 2.11 -7.92
CC IYR D 29 -6.38 2.65 -9.27
CD IYR D 29 -7.11 3.83 -9.46
CE IYR D 29 -7.39 4.34 -10.72
IE IYR D 29 -8.47 6.05 -10.87
CF IYR D 29 -6.91 3.64 -11.85
OF IYR D 29 -7.10 4.01 -13.15
CG IYR D 29 -6.17 2.46 -11.68
CH IYR D 29 -5.90 1.97 -10.41
C IYR D 29 -6.92 0.32 -6.37
O IYR D 29 -6.49 -0.77 -6.72
HA IYR D 29 -7.81 0.75 -8.19
HB2 IYR D 29 -5.22 1.38 -7.97
HB3 IYR D 29 -5.79 2.93 -7.22
HD IYR D 29 -7.49 4.37 -8.56
HG IYR D 29 -5.81 1.94 -12.58
HH IYR D 29 -5.32 1.05 -10.29
N LYS D 30 -7.10 0.62 -5.08
CA LYS D 30 -6.91 -0.38 -4.03
C LYS D 30 -8.09 -1.37 -4.09
N ILE D 31 -9.30 -0.83 -4.24
CA ILE D 31 -10.49 -1.68 -4.39
C ILE D 31 -10.37 -2.54 -5.65
N ARG D 32 -9.99 -1.91 -6.76
CA ARG D 32 -9.84 -2.62 -8.02
C ARG D 32 -8.76 -3.68 -7.91
N LYS D 33 -7.63 -3.34 -7.30
CA LYS D 33 -6.57 -4.34 -7.10
C LYS D 33 -7.05 -5.47 -6.18
N ASN D 34 -7.61 -5.12 -5.03
CA ASN D 34 -8.12 -6.13 -4.11
C ASN D 34 -9.22 -6.97 -4.75
N ALA D 35 -9.93 -6.40 -5.73
CA ALA D 35 -10.92 -7.18 -6.47
C ALA D 35 -10.24 -8.22 -7.35
N VAL D 36 -9.24 -7.81 -8.14
CA VAL D 36 -8.57 -8.77 -9.01
C VAL D 36 -8.06 -9.96 -8.21
N LYS D 37 -7.55 -9.69 -7.00
CA LYS D 37 -6.96 -10.74 -6.18
C LYS D 37 -8.02 -11.73 -5.68
N LYS D 38 -9.24 -11.25 -5.45
CA LYS D 38 -10.32 -12.15 -5.07
C LYS D 38 -10.71 -13.05 -6.24
N ILE D 39 -11.06 -12.43 -7.38
CA ILE D 39 -11.36 -13.21 -8.58
C ILE D 39 -10.30 -14.29 -8.79
N ASN D 40 -9.04 -13.88 -8.88
CA ASN D 40 -7.98 -14.87 -9.12
C ASN D 40 -7.92 -15.91 -8.01
N THR D 41 -8.34 -15.54 -6.80
CA THR D 41 -8.48 -16.45 -5.69
C THR D 41 -9.83 -17.16 -5.68
N GLU D 42 -10.78 -16.70 -6.50
CA GLU D 42 -12.04 -17.41 -6.72
C GLU D 42 -11.86 -18.56 -7.71
N ARG D 43 -11.02 -18.36 -8.73
CA ARG D 43 -10.75 -19.40 -9.72
C ARG D 43 -9.80 -20.45 -9.17
N GLU D 44 -8.66 -20.01 -8.63
CA GLU D 44 -7.66 -20.95 -8.16
C GLU D 44 -8.15 -21.77 -6.98
N ILE D 45 -9.13 -21.29 -6.22
CA ILE D 45 -9.62 -22.02 -5.06
C ILE D 45 -10.44 -23.24 -5.48
N GLN D 46 -10.97 -23.23 -6.70
CA GLN D 46 -11.34 -24.51 -7.33
C GLN D 46 -10.18 -25.08 -8.11
N GLN D 47 -9.03 -25.12 -7.44
CA GLN D 47 -7.77 -25.55 -8.03
C GLN D 47 -8.08 -26.70 -8.97
N LEU D 48 -8.10 -27.90 -8.40
CA LEU D 48 -8.32 -29.14 -9.15
C LEU D 48 -8.77 -30.13 -8.08
N SER D 49 -10.09 -30.21 -7.86
CA SER D 49 -10.66 -30.89 -6.69
C SER D 49 -9.60 -31.23 -5.65
N ASN D 50 -8.81 -32.29 -5.89
CA ASN D 50 -7.72 -32.70 -5.02
C ASN D 50 -7.58 -31.74 -3.84
N ASN D 51 -8.50 -31.85 -2.89
CA ASN D 51 -8.57 -30.92 -1.78
C ASN D 51 -7.27 -30.99 -0.98
N ASP D 52 -6.34 -30.16 -1.39
CA ASP D 52 -4.99 -30.13 -0.87
C ASP D 52 -4.98 -29.24 0.37
N PRO D 53 -3.84 -29.13 1.05
CA PRO D 53 -3.82 -28.34 2.30
C PRO D 53 -3.97 -26.86 2.03
N ASN D 54 -3.15 -26.33 1.14
CA ASN D 54 -3.10 -24.89 0.87
C ASN D 54 -4.37 -24.37 0.22
N LYS D 55 -5.35 -25.24 -0.04
CA LYS D 55 -6.69 -24.76 -0.38
C LYS D 55 -7.40 -24.15 0.82
N ASN D 56 -7.06 -24.63 2.01
CA ASN D 56 -7.56 -24.02 3.24
C ASN D 56 -7.07 -22.59 3.38
N THR D 57 -5.81 -22.35 3.04
CA THR D 57 -5.21 -21.04 3.20
C THR D 57 -5.75 -20.06 2.16
N LEU D 58 -5.87 -20.49 0.90
CA LEU D 58 -6.45 -19.63 -0.13
C LEU D 58 -7.87 -19.22 0.24
N LEU D 59 -8.61 -20.10 0.92
CA LEU D 59 -9.96 -19.77 1.36
C LEU D 59 -9.96 -18.55 2.28
N ALA D 60 -9.18 -18.62 3.36
CA ALA D 60 -9.13 -17.50 4.28
C ALA D 60 -8.65 -16.23 3.58
N LEU D 61 -7.56 -16.35 2.82
CA LEU D 61 -7.04 -15.19 2.11
C LEU D 61 -8.13 -14.52 1.29
N LYS D 62 -8.74 -15.28 0.38
CA LYS D 62 -9.79 -14.74 -0.46
C LYS D 62 -10.85 -13.99 0.35
N GLN D 63 -11.29 -14.56 1.45
CA GLN D 63 -12.39 -13.97 2.18
C GLN D 63 -11.95 -12.71 2.95
N ASN D 64 -10.69 -12.60 3.38
CA ASN D 64 -10.22 -11.33 3.93
C ASN D 64 -10.06 -10.27 2.83
N LEU D 65 -9.99 -10.68 1.56
CA LEU D 65 -10.07 -9.73 0.46
C LEU D 65 -11.46 -9.09 0.40
N GLU D 66 -12.52 -9.90 0.52
CA GLU D 66 -13.86 -9.33 0.52
C GLU D 66 -14.00 -8.28 1.61
N ASN D 67 -13.45 -8.55 2.80
CA ASN D 67 -13.54 -7.59 3.89
C ASN D 67 -12.75 -6.33 3.56
N LEU D 68 -11.55 -6.47 3.01
CA LEU D 68 -10.80 -5.31 2.55
C LEU D 68 -11.62 -4.49 1.56
N ILE D 69 -12.13 -5.15 0.51
CA ILE D 69 -12.88 -4.45 -0.54
C ILE D 69 -14.05 -3.67 0.06
N HIS D 70 -14.93 -4.36 0.79
CA HIS D 70 -16.07 -3.68 1.42
C HIS D 70 -15.62 -2.52 2.29
N ASN D 71 -14.45 -2.63 2.91
CA ASN D 71 -13.98 -1.59 3.80
C ASN D 71 -13.47 -0.39 3.02
N GLN D 72 -12.66 -0.62 1.99
CA GLN D 72 -12.26 0.47 1.11
C GLN D 72 -13.48 1.13 0.48
N LYS D 73 -14.45 0.33 0.04
CA LYS D 73 -15.65 0.88 -0.57
C LYS D 73 -16.37 1.85 0.35
N GLU D 74 -16.19 1.71 1.67
CA GLU D 74 -16.84 2.59 2.63
C GLU D 74 -16.02 3.85 2.87
N GLN D 75 -14.70 3.70 3.03
CA GLN D 75 -13.81 4.85 3.13
C GLN D 75 -13.98 5.78 1.94
N LEU D 76 -14.23 5.21 0.77
CA LEU D 76 -14.20 5.99 -0.46
C LEU D 76 -15.52 6.71 -0.72
N LYS D 77 -16.65 6.07 -0.41
CA LYS D 77 -17.93 6.77 -0.49
C LYS D 77 -17.93 8.01 0.39
N THR D 78 -17.38 7.89 1.59
CA THR D 78 -17.28 8.99 2.52
C THR D 78 -16.45 10.15 1.94
N TYI D 79 -15.13 10.00 1.82
CA TYI D 79 -14.38 10.86 0.89
CB TYI D 79 -13.05 10.20 0.40
CG TYI D 79 -11.96 10.18 1.43
CD1 TYI D 79 -11.51 8.97 1.99
CE1 TYI D 79 -10.49 8.98 2.94
CD2 TYI D 79 -11.35 11.38 1.84
CE2 TYI D 79 -10.34 11.42 2.79
CZ TYI D 79 -9.90 10.18 3.34
OH TYI D 79 -8.90 10.21 4.27
C TYI D 79 -15.00 11.42 -0.39
O TYI D 79 -14.78 12.59 -0.75
I1 TYI D 79 -9.83 7.24 3.77
I2 TYI D 79 -9.56 13.23 3.24
H TYI D 79 -14.54 9.62 2.52
HA TYI D 79 -14.31 11.80 1.51
HB2 TYI D 79 -12.69 10.76 -0.51
HB3 TYI D 79 -13.28 9.14 0.07
HD1 TYI D 79 -11.97 8.02 1.67
HD2 TYI D 79 -11.70 12.32 1.38
N GLN D 80 -15.82 10.61 -1.04
CA GLN D 80 -16.56 11.03 -2.19
C GLN D 80 -17.73 11.90 -1.77
N LYS D 81 -18.45 11.43 -0.75
CA LYS D 81 -19.49 12.26 -0.14
C LYS D 81 -18.91 13.57 0.37
N LEU D 82 -17.72 13.52 0.97
CA LEU D 82 -17.08 14.73 1.49
C LEU D 82 -16.72 15.69 0.36
N LEU D 83 -16.01 15.21 -0.66
CA LEU D 83 -15.71 16.05 -1.81
C LEU D 83 -16.99 16.62 -2.41
N LYS D 84 -18.05 15.80 -2.45
CA LYS D 84 -19.35 16.28 -2.92
C LYS D 84 -19.79 17.47 -2.08
N THR D 85 -19.36 17.54 -0.80
CA THR D 85 -19.70 18.74 -0.02
C THR D 85 -18.90 19.94 -0.55
N LEU D 86 -19.15 20.41 -1.75
CA LEU D 86 -18.33 21.49 -2.24
C LEU D 86 -19.08 22.10 -3.41
N ASN D 87 -19.42 21.28 -4.40
CA ASN D 87 -20.37 21.70 -5.42
C ASN D 87 -21.75 21.82 -4.78
N ASP D 88 -22.26 23.05 -4.69
CA ASP D 88 -23.57 23.30 -4.08
C ASP D 88 -23.54 23.00 -2.58
N GLU D 89 -24.54 23.50 -1.85
CA GLU D 89 -24.58 23.43 -0.40
C GLU D 89 -23.48 24.29 0.21
N ASN D 90 -22.26 23.75 0.31
CA ASN D 90 -21.10 24.59 0.61
C ASN D 90 -20.55 25.15 -0.70
N ASN D 91 -20.07 26.38 -0.65
CA ASN D 91 -19.69 27.10 -1.87
C ASN D 91 -20.88 27.18 -2.82
I IOD E . 23.57 -8.00 0.51
I IOD F . 1.28 13.54 11.76
I IOD G . 3.04 10.72 12.97
I IOD H . 9.05 -11.77 9.81
I IOD I . 0.15 11.79 14.35
I IOD J . -1.73 11.19 16.48
I IOD K . -0.60 13.57 18.97
I IOD L . 12.27 -9.75 9.29
I IOD M . -1.32 19.55 20.67
I IOD N . -11.86 15.50 7.39
I IOD O . -10.86 17.31 10.49
I IOD P . 3.42 20.51 -14.91
I IOD Q . -6.34 23.58 -16.31
I IOD R . -15.98 -8.05 -5.94
I IOD S . -16.51 -7.91 -2.32
I IOD T . -14.26 -17.80 -12.20
I IOD U . -6.83 -16.65 -17.03
I IOD V . -12.18 -4.70 6.80
I IOD W . -18.73 -5.40 -0.66
#